data_3GMI
#
_entry.id   3GMI
#
_cell.length_a   70.935
_cell.length_b   73.988
_cell.length_c   85.024
_cell.angle_alpha   90.00
_cell.angle_beta   90.00
_cell.angle_gamma   90.00
#
_symmetry.space_group_name_H-M   'P 21 21 21'
#
loop_
_entity.id
_entity.type
_entity.pdbx_description
1 polymer 'UPF0348 protein MJ0951'
2 non-polymer 'MALONATE ION'
3 water water
#
_entity_poly.entity_id   1
_entity_poly.type   'polypeptide(L)'
_entity_poly.pdbx_seq_one_letter_code
;QAMLIGEIMDLNLKNFLEDREEIIRDAKRKDEKSFKDFKKIVEEIKERENKDKIVCDFTEYNPLHKGHKYALEKGKEHGI
FISVLPGPLERSGRGIPYFLNRYIRAEMAIRAGADIVVEGPPMGIMGSGQYMRCLIKMFYSLGAEIIPRGYIPEKTMEKV
IDCINKGYHIQVKPYKIICIETGEILGEKLNIDNYVIASMSQMIYKLNREGLKFNPKFVFVKRLEGISGTKIREAIFSGK
FEDIKNMLPKTTLSILKELYDNGKLNELILKRFEDRILETANEYDLYEYLPSNVAEILEKKRPFNNIEEIKNSLPYGFSR
HFRERILSKLEARIPNETLSKYINNYPAKIKILAVKL
;
_entity_poly.pdbx_strand_id   A
#
# COMPACT_ATOMS: atom_id res chain seq x y z
N GLN A 1 9.03 -7.28 -31.07
CA GLN A 1 8.47 -6.77 -29.80
C GLN A 1 6.94 -6.86 -29.75
N ALA A 2 6.20 -6.78 -30.85
CA ALA A 2 4.71 -6.79 -30.71
C ALA A 2 4.18 -8.04 -29.98
N MET A 3 4.73 -9.21 -30.31
CA MET A 3 4.31 -10.43 -29.58
C MET A 3 4.62 -10.41 -28.09
N LEU A 4 5.78 -9.88 -27.73
CA LEU A 4 6.15 -9.77 -26.33
C LEU A 4 5.27 -8.75 -25.60
N ILE A 5 5.02 -7.60 -26.22
CA ILE A 5 4.10 -6.64 -25.59
C ILE A 5 2.73 -7.30 -25.36
N GLY A 6 2.24 -8.06 -26.31
CA GLY A 6 0.95 -8.75 -26.17
C GLY A 6 0.89 -9.74 -25.01
N GLU A 7 1.94 -10.55 -24.85
CA GLU A 7 2.07 -11.51 -23.74
C GLU A 7 2.08 -10.79 -22.42
N ILE A 8 2.84 -9.70 -22.34
CA ILE A 8 2.88 -8.91 -21.12
C ILE A 8 1.51 -8.31 -20.78
N MET A 9 0.86 -7.70 -21.77
CA MET A 9 -0.52 -7.18 -21.58
C MET A 9 -1.52 -8.28 -21.14
N ASP A 10 -1.44 -9.44 -21.77
CA ASP A 10 -2.33 -10.53 -21.41
C ASP A 10 -2.08 -11.01 -19.97
N LEU A 11 -0.81 -11.11 -19.59
CA LEU A 11 -0.45 -11.53 -18.24
C LEU A 11 -0.94 -10.52 -17.20
N ASN A 12 -0.74 -9.22 -17.46
CA ASN A 12 -1.23 -8.16 -16.57
C ASN A 12 -2.77 -8.29 -16.35
N LEU A 13 -3.51 -8.54 -17.42
CA LEU A 13 -4.98 -8.66 -17.31
C LEU A 13 -5.38 -9.94 -16.55
N LYS A 14 -4.77 -11.07 -16.91
CA LYS A 14 -5.01 -12.34 -16.22
C LYS A 14 -4.70 -12.24 -14.73
N ASN A 15 -3.60 -11.57 -14.39
CA ASN A 15 -3.22 -11.36 -12.99
C ASN A 15 -4.28 -10.50 -12.27
N PHE A 16 -4.70 -9.43 -12.93
CA PHE A 16 -5.74 -8.55 -12.41
C PHE A 16 -7.04 -9.35 -12.15
N LEU A 17 -7.41 -10.20 -13.10
CA LEU A 17 -8.69 -10.96 -13.00
C LEU A 17 -8.58 -12.07 -11.95
N GLU A 18 -7.42 -12.70 -11.81
CA GLU A 18 -7.18 -13.66 -10.72
C GLU A 18 -7.23 -12.97 -9.37
N ASP A 19 -6.64 -11.76 -9.28
CA ASP A 19 -6.71 -10.97 -8.04
C ASP A 19 -8.15 -10.68 -7.59
N ARG A 20 -8.98 -10.28 -8.55
CA ARG A 20 -10.37 -10.01 -8.32
C ARG A 20 -11.06 -11.28 -7.73
N GLU A 21 -10.77 -12.46 -8.29
CA GLU A 21 -11.35 -13.71 -7.78
C GLU A 21 -10.87 -14.01 -6.37
N GLU A 22 -9.59 -13.70 -6.11
CA GLU A 22 -9.02 -13.86 -4.80
C GLU A 22 -9.77 -12.96 -3.81
N ILE A 23 -10.04 -11.70 -4.18
CA ILE A 23 -10.76 -10.79 -3.28
C ILE A 23 -12.16 -11.36 -2.96
N ILE A 24 -12.80 -11.90 -3.99
CA ILE A 24 -14.14 -12.45 -3.84
C ILE A 24 -14.14 -13.67 -2.90
N ARG A 25 -13.17 -14.56 -3.01
CA ARG A 25 -13.08 -15.71 -2.10
C ARG A 25 -12.81 -15.31 -0.64
N ASP A 26 -11.92 -14.32 -0.48
CA ASP A 26 -11.55 -13.82 0.83
C ASP A 26 -12.68 -13.07 1.52
N ALA A 27 -13.62 -12.56 0.73
CA ALA A 27 -14.77 -11.90 1.30
C ALA A 27 -15.65 -12.93 2.04
N LYS A 28 -15.62 -14.20 1.65
CA LYS A 28 -16.58 -15.15 2.21
C LYS A 28 -15.97 -16.23 3.12
N ARG A 29 -14.65 -16.43 3.04
CA ARG A 29 -13.97 -17.48 3.78
C ARG A 29 -12.61 -17.07 4.39
N LYS A 30 -12.37 -17.38 5.66
CA LYS A 30 -11.04 -17.34 6.26
C LYS A 30 -10.24 -18.62 5.95
N ASP A 31 -9.00 -18.48 5.49
CA ASP A 31 -8.10 -19.63 5.25
C ASP A 31 -7.28 -19.80 6.52
N GLU A 32 -7.77 -20.64 7.41
CA GLU A 32 -7.17 -20.74 8.74
C GLU A 32 -5.79 -21.39 8.68
N LYS A 33 -5.66 -22.41 7.83
CA LYS A 33 -4.35 -23.04 7.66
C LYS A 33 -3.23 -22.08 7.29
N SER A 34 -3.50 -21.08 6.43
CA SER A 34 -2.46 -20.09 6.07
C SER A 34 -1.89 -19.40 7.28
N PHE A 35 -2.72 -19.18 8.31
CA PHE A 35 -2.27 -18.51 9.52
C PHE A 35 -1.35 -19.42 10.27
N LYS A 36 -1.74 -20.68 10.37
CA LYS A 36 -0.87 -21.68 10.99
C LYS A 36 0.39 -21.89 10.18
N ASP A 37 0.31 -21.90 8.87
CA ASP A 37 1.54 -22.02 8.05
C ASP A 37 2.50 -20.82 8.26
N PHE A 38 1.95 -19.61 8.33
CA PHE A 38 2.75 -18.44 8.57
C PHE A 38 3.47 -18.51 9.94
N LYS A 39 2.72 -18.91 10.98
CA LYS A 39 3.28 -19.01 12.31
C LYS A 39 4.51 -19.93 12.29
N LYS A 40 4.40 -21.06 11.60
CA LYS A 40 5.51 -22.03 11.43
C LYS A 40 6.71 -21.44 10.70
N ILE A 41 6.47 -20.63 9.68
CA ILE A 41 7.55 -20.01 8.96
C ILE A 41 8.26 -19.02 9.83
N VAL A 42 7.51 -18.19 10.57
CA VAL A 42 8.11 -17.19 11.46
C VAL A 42 8.98 -17.82 12.53
N GLU A 43 8.49 -18.90 13.12
CA GLU A 43 9.25 -19.60 14.13
C GLU A 43 10.58 -20.04 13.57
N GLU A 44 10.54 -20.62 12.37
CA GLU A 44 11.73 -21.12 11.71
C GLU A 44 12.72 -20.00 11.42
N ILE A 45 12.20 -18.88 10.89
CA ILE A 45 13.05 -17.72 10.61
C ILE A 45 13.65 -17.15 11.91
N LYS A 46 12.83 -16.99 12.93
CA LYS A 46 13.38 -16.46 14.16
C LYS A 46 14.52 -17.37 14.67
N GLU A 47 14.30 -18.67 14.60
CA GLU A 47 15.32 -19.64 15.00
C GLU A 47 16.61 -19.40 14.22
N ARG A 48 16.50 -19.42 12.90
CA ARG A 48 17.67 -19.25 12.08
C ARG A 48 18.41 -17.93 12.28
N GLU A 49 17.66 -16.84 12.49
CA GLU A 49 18.24 -15.50 12.62
C GLU A 49 18.67 -15.19 14.05
N ASN A 50 18.37 -16.08 14.99
CA ASN A 50 18.54 -15.80 16.41
C ASN A 50 17.95 -14.47 16.86
N LYS A 51 16.69 -14.25 16.51
CA LYS A 51 15.96 -13.03 16.87
C LYS A 51 14.68 -13.42 17.58
N ASP A 52 14.23 -12.65 18.54
CA ASP A 52 13.00 -13.03 19.27
C ASP A 52 11.81 -12.21 18.85
N LYS A 53 11.99 -11.16 18.07
CA LYS A 53 10.88 -10.22 17.80
C LYS A 53 10.51 -10.09 16.32
N ILE A 54 9.24 -9.78 16.05
CA ILE A 54 8.72 -9.57 14.71
C ILE A 54 8.54 -8.08 14.50
N VAL A 55 9.16 -7.57 13.44
CA VAL A 55 9.18 -6.18 13.04
C VAL A 55 8.39 -6.14 11.71
N CYS A 56 7.42 -5.23 11.56
CA CYS A 56 6.55 -5.15 10.37
C CYS A 56 6.48 -3.73 9.92
N ASP A 57 6.36 -3.53 8.62
CA ASP A 57 6.07 -2.19 8.11
C ASP A 57 5.18 -2.32 6.87
N PHE A 58 4.43 -1.25 6.60
CA PHE A 58 3.66 -1.03 5.38
C PHE A 58 4.63 -0.51 4.32
N THR A 59 4.84 -1.33 3.30
CA THR A 59 5.88 -1.07 2.33
C THR A 59 5.30 -1.16 0.91
N GLU A 60 5.22 -0.04 0.23
CA GLU A 60 4.85 -0.07 -1.19
C GLU A 60 6.05 -0.36 -2.08
N TYR A 61 7.22 0.13 -1.71
CA TYR A 61 8.47 -0.17 -2.42
C TYR A 61 8.29 -0.03 -3.92
N ASN A 62 7.92 1.19 -4.33
CA ASN A 62 7.35 1.46 -5.66
C ASN A 62 8.09 2.56 -6.44
N PRO A 63 9.39 2.37 -6.70
CA PRO A 63 10.27 1.29 -6.32
C PRO A 63 10.97 1.50 -4.94
N LEU A 64 11.67 0.46 -4.47
CA LEU A 64 12.39 0.52 -3.20
C LEU A 64 13.64 1.38 -3.34
N HIS A 65 13.62 2.56 -2.72
CA HIS A 65 14.69 3.54 -2.83
C HIS A 65 15.63 3.49 -1.58
N LYS A 66 16.62 4.35 -1.52
CA LYS A 66 17.67 4.19 -0.51
C LYS A 66 17.14 4.38 0.88
N GLY A 67 16.17 5.27 1.03
CA GLY A 67 15.51 5.53 2.32
C GLY A 67 14.74 4.33 2.84
N HIS A 68 14.10 3.64 1.92
CA HIS A 68 13.38 2.44 2.28
C HIS A 68 14.35 1.39 2.79
N LYS A 69 15.46 1.19 2.06
CA LYS A 69 16.42 0.17 2.48
C LYS A 69 17.08 0.54 3.83
N TYR A 70 17.36 1.82 4.04
CA TYR A 70 17.94 2.24 5.29
C TYR A 70 17.01 1.93 6.48
N ALA A 71 15.76 2.28 6.32
CA ALA A 71 14.74 2.01 7.33
C ALA A 71 14.59 0.52 7.58
N LEU A 72 14.68 -0.28 6.52
CA LEU A 72 14.56 -1.71 6.65
C LEU A 72 15.72 -2.26 7.47
N GLU A 73 16.93 -1.83 7.15
CA GLU A 73 18.10 -2.35 7.84
C GLU A 73 18.09 -1.91 9.30
N LYS A 74 17.64 -0.68 9.57
CA LYS A 74 17.54 -0.26 10.95
C LYS A 74 16.48 -1.08 11.70
N GLY A 75 15.36 -1.38 11.04
CA GLY A 75 14.33 -2.23 11.61
C GLY A 75 14.84 -3.60 12.01
N LYS A 76 15.63 -4.20 11.12
CA LYS A 76 16.24 -5.49 11.39
C LYS A 76 17.15 -5.59 12.58
N GLU A 77 17.67 -4.47 13.08
CA GLU A 77 18.39 -4.46 14.32
C GLU A 77 17.48 -4.83 15.46
N HIS A 78 16.15 -4.81 15.26
CA HIS A 78 15.21 -5.04 16.35
C HIS A 78 14.51 -6.39 16.25
N GLY A 79 14.66 -7.09 15.14
CA GLY A 79 13.97 -8.35 14.99
C GLY A 79 13.97 -8.81 13.56
N ILE A 80 13.16 -9.81 13.25
CA ILE A 80 13.01 -10.24 11.88
C ILE A 80 12.07 -9.28 11.15
N PHE A 81 12.33 -9.07 9.85
CA PHE A 81 11.66 -7.98 9.11
C PHE A 81 10.59 -8.54 8.18
N ILE A 82 9.34 -8.14 8.41
CA ILE A 82 8.25 -8.50 7.50
C ILE A 82 7.77 -7.27 6.72
N SER A 83 7.87 -7.37 5.41
CA SER A 83 7.33 -6.35 4.53
C SER A 83 5.86 -6.69 4.24
N VAL A 84 4.97 -5.75 4.48
CA VAL A 84 3.54 -5.90 4.15
C VAL A 84 3.34 -5.10 2.89
N LEU A 85 3.27 -5.81 1.77
CA LEU A 85 3.47 -5.22 0.45
C LEU A 85 2.21 -5.40 -0.39
N PRO A 86 1.44 -4.33 -0.59
CA PRO A 86 0.18 -4.50 -1.37
C PRO A 86 0.42 -4.55 -2.86
N GLY A 87 -0.47 -5.15 -3.63
CA GLY A 87 -1.65 -5.84 -3.19
C GLY A 87 -2.39 -6.33 -4.41
N PRO A 88 -3.41 -7.15 -4.20
CA PRO A 88 -4.25 -7.57 -5.31
C PRO A 88 -4.85 -6.39 -6.06
N LEU A 89 -4.90 -6.51 -7.39
CA LEU A 89 -5.35 -5.45 -8.33
C LEU A 89 -4.24 -4.46 -8.69
N GLU A 90 -3.13 -4.45 -7.92
CA GLU A 90 -1.97 -3.62 -8.21
C GLU A 90 -2.36 -2.17 -8.30
N ARG A 91 -3.29 -1.75 -7.42
CA ARG A 91 -3.63 -0.36 -7.31
C ARG A 91 -3.28 0.11 -5.90
N SER A 92 -2.63 1.25 -5.82
CA SER A 92 -1.87 1.67 -4.66
C SER A 92 -2.63 2.49 -3.67
N GLY A 93 -1.92 2.93 -2.61
CA GLY A 93 -2.45 3.89 -1.63
C GLY A 93 -2.85 5.22 -2.23
N ARG A 94 -2.32 5.52 -3.43
CA ARG A 94 -2.72 6.72 -4.18
C ARG A 94 -3.89 6.46 -5.14
N GLY A 95 -4.38 5.24 -5.20
CA GLY A 95 -5.51 4.90 -6.05
C GLY A 95 -5.13 4.48 -7.45
N ILE A 96 -3.82 4.39 -7.72
CA ILE A 96 -3.30 4.27 -9.08
C ILE A 96 -2.47 2.98 -9.28
N PRO A 97 -2.25 2.60 -10.54
CA PRO A 97 -1.42 1.42 -10.71
C PRO A 97 -0.04 1.58 -10.06
N TYR A 98 0.46 0.54 -9.44
CA TYR A 98 1.80 0.48 -9.06
C TYR A 98 2.71 0.52 -10.29
N PHE A 99 3.94 0.93 -10.08
CA PHE A 99 4.93 1.05 -11.17
C PHE A 99 5.23 -0.32 -11.83
N LEU A 100 5.49 -1.29 -10.99
CA LEU A 100 5.70 -2.67 -11.36
C LEU A 100 4.86 -3.58 -10.43
N ASN A 101 4.63 -4.82 -10.84
CA ASN A 101 3.78 -5.71 -10.04
C ASN A 101 4.46 -6.10 -8.72
N ARG A 102 3.66 -6.68 -7.83
CA ARG A 102 4.09 -6.96 -6.48
C ARG A 102 5.09 -8.12 -6.33
N TYR A 103 5.18 -8.98 -7.33
CA TYR A 103 6.15 -10.06 -7.32
C TYR A 103 7.55 -9.42 -7.54
N ILE A 104 7.61 -8.45 -8.46
CA ILE A 104 8.86 -7.73 -8.68
C ILE A 104 9.18 -6.88 -7.44
N ARG A 105 8.20 -6.16 -6.93
CA ARG A 105 8.47 -5.37 -5.71
C ARG A 105 8.84 -6.25 -4.52
N ALA A 106 8.25 -7.45 -4.41
CA ALA A 106 8.66 -8.36 -3.33
C ALA A 106 10.11 -8.80 -3.52
N GLU A 107 10.53 -9.07 -4.76
CA GLU A 107 11.93 -9.45 -4.97
C GLU A 107 12.83 -8.25 -4.60
N MET A 108 12.42 -7.02 -4.89
CA MET A 108 13.22 -5.86 -4.42
C MET A 108 13.40 -5.90 -2.89
N ALA A 109 12.32 -6.25 -2.19
CA ALA A 109 12.29 -6.26 -0.74
C ALA A 109 13.23 -7.34 -0.21
N ILE A 110 13.15 -8.56 -0.77
CA ILE A 110 14.05 -9.65 -0.33
C ILE A 110 15.50 -9.27 -0.59
N ARG A 111 15.81 -8.75 -1.78
CA ARG A 111 17.17 -8.34 -2.06
C ARG A 111 17.69 -7.24 -1.10
N ALA A 112 16.84 -6.32 -0.71
CA ALA A 112 17.17 -5.26 0.24
C ALA A 112 17.35 -5.76 1.69
N GLY A 113 16.84 -6.96 2.01
CA GLY A 113 16.98 -7.57 3.30
C GLY A 113 15.75 -8.11 4.02
N ALA A 114 14.57 -7.99 3.45
CA ALA A 114 13.34 -8.40 4.13
C ALA A 114 13.46 -9.89 4.38
N ASP A 115 12.98 -10.33 5.54
CA ASP A 115 12.98 -11.77 5.83
C ASP A 115 11.78 -12.44 5.24
N ILE A 116 10.63 -11.75 5.26
CA ILE A 116 9.39 -12.29 4.70
C ILE A 116 8.64 -11.13 4.03
N VAL A 117 7.97 -11.42 2.93
CA VAL A 117 7.10 -10.44 2.28
C VAL A 117 5.71 -11.05 2.23
N VAL A 118 4.78 -10.37 2.89
CA VAL A 118 3.36 -10.76 2.98
C VAL A 118 2.54 -9.84 2.11
N GLU A 119 1.62 -10.43 1.35
CA GLU A 119 0.74 -9.66 0.52
C GLU A 119 -0.20 -8.72 1.30
N GLY A 120 -0.19 -7.45 0.90
CA GLY A 120 -1.01 -6.41 1.53
C GLY A 120 -2.39 -6.30 0.89
N PRO A 121 -3.24 -5.45 1.44
CA PRO A 121 -4.60 -5.34 0.99
C PRO A 121 -4.76 -4.69 -0.41
N PRO A 122 -5.93 -4.85 -1.07
CA PRO A 122 -6.17 -4.14 -2.33
C PRO A 122 -6.44 -2.66 -2.11
N MET A 123 -5.37 -1.90 -2.01
CA MET A 123 -5.40 -0.54 -1.43
C MET A 123 -6.24 0.39 -2.26
N GLY A 124 -6.07 0.26 -3.56
CA GLY A 124 -6.66 1.22 -4.50
C GLY A 124 -8.16 1.32 -4.65
N ILE A 125 -8.91 0.32 -4.18
CA ILE A 125 -10.36 0.36 -4.22
C ILE A 125 -10.94 0.74 -2.84
N MET A 126 -10.06 1.16 -1.92
CA MET A 126 -10.45 1.54 -0.53
C MET A 126 -10.14 2.99 -0.22
N GLY A 127 -10.93 3.61 0.65
CA GLY A 127 -10.54 4.92 1.18
C GLY A 127 -9.34 4.75 2.08
N SER A 128 -8.65 5.84 2.43
CA SER A 128 -7.42 5.65 3.19
C SER A 128 -7.64 5.25 4.62
N GLY A 129 -8.79 5.59 5.20
CA GLY A 129 -9.13 5.06 6.52
C GLY A 129 -9.35 3.56 6.41
N GLN A 130 -10.08 3.12 5.38
CA GLN A 130 -10.31 1.68 5.21
C GLN A 130 -9.03 0.90 5.07
N TYR A 131 -8.10 1.37 4.24
CA TYR A 131 -6.89 0.60 4.04
C TYR A 131 -5.95 0.66 5.25
N MET A 132 -5.98 1.76 6.00
CA MET A 132 -5.16 1.85 7.23
C MET A 132 -5.69 0.90 8.32
N ARG A 133 -7.02 0.80 8.44
CA ARG A 133 -7.65 -0.18 9.32
C ARG A 133 -7.17 -1.59 8.94
N CYS A 134 -7.19 -1.90 7.64
CA CYS A 134 -6.73 -3.19 7.16
C CYS A 134 -5.28 -3.44 7.52
N LEU A 135 -4.43 -2.44 7.28
CA LEU A 135 -3.01 -2.57 7.56
C LEU A 135 -2.76 -2.86 9.04
N ILE A 136 -3.45 -2.14 9.91
CA ILE A 136 -3.17 -2.33 11.35
C ILE A 136 -3.63 -3.76 11.76
N LYS A 137 -4.78 -4.17 11.24
CA LYS A 137 -5.29 -5.50 11.47
C LYS A 137 -4.33 -6.57 10.96
N MET A 138 -3.66 -6.33 9.82
CA MET A 138 -2.65 -7.27 9.33
C MET A 138 -1.45 -7.30 10.27
N PHE A 139 -0.99 -6.15 10.74
CA PHE A 139 0.14 -6.12 11.63
C PHE A 139 -0.18 -6.92 12.89
N TYR A 140 -1.40 -6.75 13.42
CA TYR A 140 -1.84 -7.52 14.59
C TYR A 140 -1.84 -9.01 14.31
N SER A 141 -2.36 -9.40 13.15
CA SER A 141 -2.44 -10.80 12.79
C SER A 141 -1.09 -11.44 12.56
N LEU A 142 -0.08 -10.68 12.17
CA LEU A 142 1.27 -11.18 11.99
C LEU A 142 2.04 -11.29 13.32
N GLY A 143 1.50 -10.72 14.39
CA GLY A 143 2.18 -10.70 15.67
C GLY A 143 3.26 -9.62 15.72
N ALA A 144 3.06 -8.52 15.02
CA ALA A 144 4.04 -7.44 14.98
C ALA A 144 4.23 -6.88 16.37
N GLU A 145 5.49 -6.73 16.76
CA GLU A 145 5.85 -6.11 18.00
C GLU A 145 6.55 -4.75 17.82
N ILE A 146 7.11 -4.50 16.67
CA ILE A 146 7.83 -3.27 16.38
C ILE A 146 7.47 -2.78 15.00
N ILE A 147 7.25 -1.48 14.86
CA ILE A 147 7.01 -0.88 13.57
C ILE A 147 8.14 0.15 13.33
N PRO A 148 9.08 -0.16 12.44
CA PRO A 148 10.20 0.74 12.20
C PRO A 148 9.91 1.62 11.01
N ARG A 149 9.65 2.90 11.23
CA ARG A 149 9.20 3.75 10.17
C ARG A 149 10.22 4.86 9.93
N GLY A 150 10.59 5.05 8.66
CA GLY A 150 11.39 6.19 8.23
C GLY A 150 10.63 7.51 8.31
N TYR A 151 11.23 8.59 8.80
CA TYR A 151 10.50 9.84 8.81
C TYR A 151 11.41 10.95 8.30
N ILE A 152 10.80 12.03 7.81
CA ILE A 152 11.50 13.25 7.43
C ILE A 152 11.55 14.14 8.61
N PRO A 153 12.75 14.53 9.07
CA PRO A 153 12.85 15.29 10.31
C PRO A 153 12.27 16.68 10.17
N GLU A 154 11.58 17.12 11.21
CA GLU A 154 11.01 18.45 11.25
C GLU A 154 10.52 18.67 12.65
N LYS A 155 10.25 19.91 13.02
CA LYS A 155 9.99 20.26 14.42
C LYS A 155 8.71 19.53 14.93
N THR A 156 7.67 19.41 14.11
CA THR A 156 6.42 18.75 14.58
C THR A 156 6.64 17.26 14.81
N MET A 157 7.51 16.67 13.97
CA MET A 157 7.87 15.27 14.19
C MET A 157 8.60 14.99 15.49
N GLU A 158 9.42 15.93 15.97
CA GLU A 158 10.02 15.83 17.30
C GLU A 158 8.94 15.64 18.36
N LYS A 159 7.87 16.42 18.26
CA LYS A 159 6.84 16.38 19.26
C LYS A 159 5.96 15.13 19.12
N VAL A 160 5.73 14.71 17.88
CA VAL A 160 5.01 13.44 17.60
C VAL A 160 5.74 12.27 18.24
N ILE A 161 7.04 12.22 17.98
CA ILE A 161 7.87 11.15 18.52
C ILE A 161 7.85 11.17 20.05
N ASP A 162 7.92 12.34 20.68
CA ASP A 162 7.87 12.44 22.14
C ASP A 162 6.55 11.90 22.69
N CYS A 163 5.46 12.29 22.05
CA CYS A 163 4.12 11.82 22.40
C CYS A 163 4.00 10.29 22.30
N ILE A 164 4.42 9.73 21.18
CA ILE A 164 4.35 8.28 20.94
C ILE A 164 5.27 7.55 21.93
N ASN A 165 6.45 8.11 22.17
CA ASN A 165 7.40 7.43 23.08
C ASN A 165 6.87 7.39 24.52
N LYS A 166 5.99 8.31 24.91
CA LYS A 166 5.33 8.28 26.21
C LYS A 166 4.17 7.29 26.28
N GLY A 167 3.88 6.58 25.18
CA GLY A 167 2.76 5.64 25.14
C GLY A 167 1.45 6.26 24.67
N TYR A 168 1.52 7.47 24.11
CA TYR A 168 0.32 8.14 23.64
C TYR A 168 0.12 8.00 22.14
N HIS A 169 -0.94 8.62 21.64
CA HIS A 169 -1.35 8.46 20.26
C HIS A 169 -1.69 9.80 19.63
N ILE A 170 -1.62 9.83 18.30
CA ILE A 170 -1.78 11.02 17.49
C ILE A 170 -3.20 11.06 16.86
N GLN A 171 -3.81 12.24 16.90
CA GLN A 171 -4.97 12.54 16.09
C GLN A 171 -4.63 13.69 15.13
N VAL A 172 -5.09 13.54 13.90
CA VAL A 172 -4.94 14.53 12.85
C VAL A 172 -6.29 15.17 12.52
N LYS A 173 -6.35 16.49 12.66
CA LYS A 173 -7.45 17.34 12.21
C LYS A 173 -6.90 18.37 11.27
N PRO A 174 -7.78 19.08 10.52
CA PRO A 174 -7.18 20.12 9.65
C PRO A 174 -6.36 21.12 10.45
N TYR A 175 -5.11 21.33 10.06
CA TYR A 175 -4.23 22.31 10.72
C TYR A 175 -3.96 22.02 12.19
N LYS A 176 -4.18 20.79 12.62
CA LYS A 176 -3.87 20.35 14.01
C LYS A 176 -3.33 18.93 14.05
N ILE A 177 -2.16 18.77 14.63
CA ILE A 177 -1.60 17.45 14.96
C ILE A 177 -1.64 17.38 16.48
N ILE A 178 -2.38 16.40 17.03
CA ILE A 178 -2.76 16.43 18.45
C ILE A 178 -2.23 15.21 19.16
N CYS A 179 -1.77 15.38 20.40
CA CYS A 179 -1.48 14.24 21.27
C CYS A 179 -2.78 13.94 21.97
N ILE A 180 -3.44 12.85 21.60
CA ILE A 180 -4.83 12.60 22.04
C ILE A 180 -4.93 12.62 23.56
N GLU A 181 -4.07 11.87 24.24
CA GLU A 181 -4.23 11.68 25.69
C GLU A 181 -4.00 12.96 26.50
N THR A 182 -3.11 13.84 26.05
CA THR A 182 -2.85 15.10 26.78
C THR A 182 -3.62 16.24 26.21
N GLY A 183 -4.13 16.11 24.99
CA GLY A 183 -4.80 17.20 24.31
C GLY A 183 -3.87 18.22 23.68
N GLU A 184 -2.57 18.07 23.86
CA GLU A 184 -1.66 19.07 23.39
C GLU A 184 -1.68 19.15 21.86
N ILE A 185 -1.73 20.39 21.37
CA ILE A 185 -1.55 20.62 19.93
C ILE A 185 -0.07 20.65 19.66
N LEU A 186 0.40 19.68 18.90
CA LEU A 186 1.81 19.49 18.64
C LEU A 186 2.34 20.34 17.46
N GLY A 187 1.43 20.78 16.61
CA GLY A 187 1.83 21.53 15.42
C GLY A 187 0.66 21.53 14.45
N GLU A 188 0.84 22.15 13.31
CA GLU A 188 -0.25 22.29 12.35
C GLU A 188 -0.19 21.28 11.22
N LYS A 189 1.01 20.80 10.88
CA LYS A 189 1.21 20.03 9.65
C LYS A 189 2.46 19.17 9.80
N LEU A 190 2.49 18.08 9.04
CA LEU A 190 3.65 17.21 8.86
C LEU A 190 4.01 17.21 7.41
N ASN A 191 5.26 16.85 7.16
CA ASN A 191 5.70 16.51 5.83
C ASN A 191 4.78 15.40 5.33
N ILE A 192 4.47 15.44 4.05
CA ILE A 192 3.52 14.48 3.49
C ILE A 192 3.92 13.04 3.75
N ASP A 193 5.21 12.71 3.72
CA ASP A 193 5.67 11.33 3.99
C ASP A 193 5.48 10.93 5.46
N ASN A 194 5.25 11.88 6.35
CA ASN A 194 5.18 11.59 7.77
C ASN A 194 3.74 11.30 8.22
N TYR A 195 2.76 11.58 7.36
CA TYR A 195 1.38 11.39 7.76
C TYR A 195 1.08 9.93 7.92
N VAL A 196 1.80 9.04 7.27
CA VAL A 196 1.57 7.61 7.51
C VAL A 196 1.73 7.23 9.01
N ILE A 197 2.74 7.80 9.67
CA ILE A 197 2.97 7.54 11.08
C ILE A 197 1.79 8.01 11.93
N ALA A 198 1.35 9.22 11.65
CA ALA A 198 0.22 9.81 12.37
C ALA A 198 -1.03 8.97 12.15
N SER A 199 -1.22 8.52 10.91
CA SER A 199 -2.39 7.74 10.55
C SER A 199 -2.40 6.38 11.27
N MET A 200 -1.22 5.74 11.27
CA MET A 200 -1.05 4.45 11.95
C MET A 200 -1.37 4.62 13.45
N SER A 201 -0.78 5.65 14.06
CA SER A 201 -0.99 5.91 15.47
C SER A 201 -2.47 6.12 15.81
N GLN A 202 -3.15 6.93 15.01
CA GLN A 202 -4.54 7.22 15.21
C GLN A 202 -5.43 5.96 15.08
N MET A 203 -5.10 5.09 14.13
CA MET A 203 -5.86 3.89 13.87
C MET A 203 -5.65 2.82 14.99
N ILE A 204 -4.43 2.74 15.51
CA ILE A 204 -4.13 1.91 16.64
C ILE A 204 -4.98 2.35 17.81
N TYR A 205 -5.06 3.66 18.02
CA TYR A 205 -5.91 4.18 19.11
C TYR A 205 -7.37 3.82 18.90
N LYS A 206 -7.85 3.96 17.67
CA LYS A 206 -9.24 3.65 17.34
C LYS A 206 -9.55 2.17 17.52
N LEU A 207 -8.67 1.31 17.02
CA LEU A 207 -8.90 -0.13 17.10
C LEU A 207 -8.80 -0.60 18.58
N ASN A 208 -7.91 0.01 19.37
CA ASN A 208 -7.82 -0.32 20.77
C ASN A 208 -9.11 0.05 21.47
N ARG A 209 -9.69 1.20 21.14
CA ARG A 209 -10.98 1.63 21.71
C ARG A 209 -12.09 0.62 21.40
N GLU A 210 -12.00 0.01 20.23
CA GLU A 210 -13.01 -0.95 19.76
C GLU A 210 -12.77 -2.36 20.28
N GLY A 211 -11.63 -2.57 20.97
CA GLY A 211 -11.32 -3.81 21.67
C GLY A 211 -10.10 -4.56 21.20
N LEU A 212 -9.45 -4.10 20.12
CA LEU A 212 -8.28 -4.84 19.63
C LEU A 212 -7.13 -4.66 20.61
N LYS A 213 -6.59 -5.75 21.13
CA LYS A 213 -5.47 -5.65 22.04
C LYS A 213 -4.18 -5.63 21.22
N PHE A 214 -3.63 -4.45 20.96
CA PHE A 214 -2.52 -4.32 20.04
C PHE A 214 -1.75 -3.07 20.42
N ASN A 215 -0.50 -3.23 20.81
CA ASN A 215 0.29 -2.09 21.23
C ASN A 215 1.74 -2.25 20.80
N PRO A 216 2.02 -2.16 19.49
CA PRO A 216 3.39 -2.32 19.01
C PRO A 216 4.22 -1.12 19.37
N LYS A 217 5.53 -1.28 19.31
CA LYS A 217 6.43 -0.19 19.62
C LYS A 217 6.90 0.41 18.31
N PHE A 218 6.78 1.71 18.13
CA PHE A 218 7.37 2.35 16.95
C PHE A 218 8.86 2.58 17.17
N VAL A 219 9.62 2.27 16.16
CA VAL A 219 11.01 2.65 16.06
C VAL A 219 11.12 3.69 14.93
N PHE A 220 11.60 4.88 15.23
CA PHE A 220 11.60 5.94 14.22
C PHE A 220 12.98 6.04 13.61
N VAL A 221 13.05 6.07 12.31
CA VAL A 221 14.35 6.11 11.63
C VAL A 221 14.42 7.44 10.90
N LYS A 222 15.33 8.31 11.33
CA LYS A 222 15.46 9.57 10.67
C LYS A 222 16.12 9.42 9.30
N ARG A 223 15.37 9.72 8.25
CA ARG A 223 15.85 9.60 6.89
C ARG A 223 16.95 10.60 6.64
N LEU A 224 17.92 10.21 5.83
CA LEU A 224 19.03 11.08 5.44
C LEU A 224 18.76 11.86 4.13
N GLU A 225 17.55 11.73 3.58
CA GLU A 225 17.21 12.27 2.30
C GLU A 225 15.68 12.55 2.29
N GLY A 226 15.23 13.23 1.25
CA GLY A 226 13.81 13.45 1.05
C GLY A 226 13.37 12.95 -0.30
N ILE A 227 13.80 11.74 -0.64
CA ILE A 227 13.45 11.14 -1.91
C ILE A 227 11.93 11.04 -2.05
N SER A 228 11.42 11.43 -3.20
CA SER A 228 9.96 11.36 -3.45
C SER A 228 9.69 10.26 -4.47
N GLY A 229 8.90 9.26 -4.07
CA GLY A 229 8.58 8.15 -4.97
C GLY A 229 7.86 8.65 -6.22
N THR A 230 7.04 9.70 -6.09
CA THR A 230 6.32 10.21 -7.26
C THR A 230 7.29 10.69 -8.32
N LYS A 231 8.29 11.41 -7.85
CA LYS A 231 9.29 11.95 -8.76
C LYS A 231 10.16 10.85 -9.34
N ILE A 232 10.45 9.80 -8.56
CA ILE A 232 11.23 8.71 -9.14
C ILE A 232 10.42 8.06 -10.29
N ARG A 233 9.14 7.76 -10.04
CA ARG A 233 8.30 7.11 -11.06
C ARG A 233 8.10 8.01 -12.31
N GLU A 234 7.83 9.29 -12.12
CA GLU A 234 7.74 10.20 -13.30
C GLU A 234 9.01 10.21 -14.17
N ALA A 235 10.18 10.24 -13.53
CA ALA A 235 11.45 10.18 -14.25
C ALA A 235 11.54 8.89 -15.04
N ILE A 236 11.21 7.76 -14.41
CA ILE A 236 11.31 6.47 -15.10
C ILE A 236 10.29 6.39 -16.26
N PHE A 237 9.07 6.87 -16.02
CA PHE A 237 8.02 6.87 -17.07
C PHE A 237 8.46 7.74 -18.25
N SER A 238 9.16 8.84 -17.98
CA SER A 238 9.67 9.73 -19.02
C SER A 238 10.92 9.26 -19.71
N GLY A 239 11.39 8.06 -19.42
CA GLY A 239 12.64 7.58 -19.99
C GLY A 239 13.92 8.09 -19.31
N LYS A 240 13.77 8.71 -18.13
CA LYS A 240 14.91 9.29 -17.40
C LYS A 240 15.39 8.44 -16.18
N PHE A 241 15.28 7.12 -16.28
CA PHE A 241 15.83 6.18 -15.30
C PHE A 241 17.25 6.52 -14.92
N GLU A 242 18.08 6.86 -15.91
CA GLU A 242 19.48 7.18 -15.64
C GLU A 242 19.62 8.38 -14.72
N ASP A 243 18.66 9.32 -14.77
CA ASP A 243 18.73 10.48 -13.90
C ASP A 243 18.39 10.20 -12.45
N ILE A 244 17.80 9.05 -12.14
CA ILE A 244 17.35 8.83 -10.75
C ILE A 244 18.02 7.62 -10.11
N LYS A 245 18.97 7.00 -10.81
CA LYS A 245 19.63 5.78 -10.36
C LYS A 245 20.26 5.89 -9.00
N ASN A 246 20.84 7.06 -8.76
CA ASN A 246 21.59 7.41 -7.55
C ASN A 246 20.73 7.41 -6.31
N MET A 247 19.40 7.46 -6.50
CA MET A 247 18.48 7.40 -5.38
C MET A 247 18.02 5.99 -5.02
N LEU A 248 18.49 5.00 -5.79
CA LEU A 248 18.09 3.60 -5.63
C LEU A 248 19.28 2.82 -5.18
N PRO A 249 19.06 1.88 -4.28
CA PRO A 249 20.16 1.05 -3.79
C PRO A 249 20.55 0.00 -4.83
N LYS A 250 21.78 -0.50 -4.71
CA LYS A 250 22.28 -1.46 -5.69
C LYS A 250 21.40 -2.68 -5.80
N THR A 251 20.80 -3.06 -4.69
CA THR A 251 19.89 -4.21 -4.65
C THR A 251 18.63 -3.96 -5.50
N THR A 252 18.14 -2.72 -5.57
CA THR A 252 17.01 -2.39 -6.48
C THR A 252 17.49 -2.28 -7.95
N LEU A 253 18.64 -1.63 -8.14
CA LEU A 253 19.29 -1.58 -9.47
C LEU A 253 19.66 -2.97 -10.02
N SER A 254 19.94 -3.97 -9.17
CA SER A 254 20.25 -5.31 -9.62
C SER A 254 19.07 -5.94 -10.40
N ILE A 255 17.85 -5.39 -10.27
CA ILE A 255 16.70 -5.84 -11.02
C ILE A 255 16.43 -4.86 -12.14
N LEU A 256 16.32 -3.57 -11.82
CA LEU A 256 15.94 -2.54 -12.81
C LEU A 256 16.94 -2.28 -13.92
N LYS A 257 18.23 -2.23 -13.59
CA LYS A 257 19.23 -1.85 -14.59
C LYS A 257 19.25 -2.84 -15.75
N GLU A 258 19.17 -4.14 -15.50
CA GLU A 258 19.18 -5.09 -16.61
C GLU A 258 17.98 -4.94 -17.53
N LEU A 259 16.81 -4.70 -16.93
CA LEU A 259 15.59 -4.51 -17.70
C LEU A 259 15.77 -3.27 -18.56
N TYR A 260 16.19 -2.18 -17.94
CA TYR A 260 16.40 -0.94 -18.65
C TYR A 260 17.43 -1.07 -19.75
N ASP A 261 18.60 -1.63 -19.43
CA ASP A 261 19.66 -1.80 -20.43
C ASP A 261 19.20 -2.57 -21.67
N ASN A 262 18.24 -3.47 -21.48
CA ASN A 262 17.77 -4.30 -22.57
C ASN A 262 16.47 -3.81 -23.21
N GLY A 263 16.00 -2.63 -22.84
CA GLY A 263 14.78 -2.08 -23.43
C GLY A 263 13.54 -2.84 -22.99
N LYS A 264 13.53 -3.38 -21.77
CA LYS A 264 12.42 -4.16 -21.31
C LYS A 264 11.66 -3.54 -20.14
N LEU A 265 12.18 -2.46 -19.52
CA LEU A 265 11.54 -1.92 -18.34
C LEU A 265 10.22 -1.22 -18.63
N ASN A 266 10.21 -0.35 -19.65
CA ASN A 266 9.06 0.46 -19.95
C ASN A 266 7.79 -0.36 -20.19
N GLU A 267 7.97 -1.48 -20.86
CA GLU A 267 6.87 -2.32 -21.21
C GLU A 267 6.22 -2.98 -20.04
N LEU A 268 6.94 -3.05 -18.91
CA LEU A 268 6.44 -3.73 -17.70
C LEU A 268 5.68 -2.81 -16.75
N ILE A 269 5.78 -1.49 -17.00
CA ILE A 269 5.14 -0.50 -16.18
C ILE A 269 3.63 -0.69 -16.33
N LEU A 270 2.95 -0.79 -15.20
CA LEU A 270 1.51 -1.06 -15.18
C LEU A 270 0.73 0.21 -15.48
N LYS A 271 -0.37 0.04 -16.18
CA LYS A 271 -1.32 1.09 -16.55
C LYS A 271 -2.74 0.56 -16.39
N ARG A 272 -3.69 1.48 -16.42
CA ARG A 272 -5.09 1.10 -16.27
C ARG A 272 -5.63 0.36 -17.47
N PHE A 273 -6.57 -0.53 -17.21
CA PHE A 273 -7.38 -1.16 -18.23
C PHE A 273 -8.56 -0.22 -18.49
N GLU A 274 -8.33 0.73 -19.36
CA GLU A 274 -9.35 1.75 -19.59
C GLU A 274 -10.63 1.23 -20.26
N ASP A 275 -10.54 0.14 -21.02
CA ASP A 275 -11.72 -0.44 -21.64
C ASP A 275 -12.66 -0.99 -20.60
N ARG A 276 -12.11 -1.62 -19.56
CA ARG A 276 -12.93 -2.13 -18.49
C ARG A 276 -13.63 -0.99 -17.79
N ILE A 277 -12.89 0.10 -17.55
CA ILE A 277 -13.45 1.24 -16.83
C ILE A 277 -14.68 1.79 -17.59
N LEU A 278 -14.51 1.99 -18.89
CA LEU A 278 -15.57 2.52 -19.74
C LEU A 278 -16.72 1.53 -19.84
N GLU A 279 -16.40 0.25 -19.95
CA GLU A 279 -17.44 -0.76 -20.04
C GLU A 279 -18.26 -0.79 -18.74
N THR A 280 -17.62 -0.63 -17.56
CA THR A 280 -18.43 -0.61 -16.33
C THR A 280 -19.23 0.70 -16.18
N ALA A 281 -18.58 1.81 -16.54
CA ALA A 281 -19.19 3.13 -16.48
C ALA A 281 -20.46 3.19 -17.38
N ASN A 282 -20.38 2.56 -18.55
CA ASN A 282 -21.40 2.68 -19.58
C ASN A 282 -22.48 1.61 -19.51
N GLU A 283 -22.19 0.47 -18.91
CA GLU A 283 -23.08 -0.69 -19.09
C GLU A 283 -23.55 -1.39 -17.82
N TYR A 284 -23.03 -1.01 -16.65
CA TYR A 284 -23.32 -1.76 -15.44
C TYR A 284 -24.19 -0.96 -14.52
N ASP A 285 -24.80 -1.67 -13.56
CA ASP A 285 -25.51 -1.01 -12.49
C ASP A 285 -24.49 -0.39 -11.54
N LEU A 286 -24.18 0.87 -11.82
CA LEU A 286 -23.22 1.62 -11.03
C LEU A 286 -23.52 1.68 -9.51
N TYR A 287 -24.78 1.44 -9.14
CA TYR A 287 -25.17 1.42 -7.73
C TYR A 287 -24.64 0.22 -6.94
N GLU A 288 -24.30 -0.85 -7.64
CA GLU A 288 -23.72 -2.00 -6.95
C GLU A 288 -22.19 -1.98 -6.84
N TYR A 289 -21.50 -1.04 -7.51
CA TYR A 289 -20.03 -0.91 -7.45
C TYR A 289 -19.51 0.41 -6.87
N LEU A 290 -20.34 1.44 -6.83
CA LEU A 290 -19.95 2.77 -6.39
C LEU A 290 -20.87 3.34 -5.34
N PRO A 291 -20.42 4.37 -4.59
CA PRO A 291 -21.36 5.04 -3.68
C PRO A 291 -22.53 5.70 -4.39
N SER A 292 -23.66 5.79 -3.70
CA SER A 292 -24.92 6.23 -4.30
C SER A 292 -24.85 7.49 -5.11
N ASN A 293 -24.29 8.54 -4.48
CA ASN A 293 -24.22 9.86 -5.09
C ASN A 293 -23.41 9.81 -6.39
N VAL A 294 -22.34 9.03 -6.39
CA VAL A 294 -21.50 8.88 -7.58
C VAL A 294 -22.19 8.04 -8.61
N ALA A 295 -22.80 6.94 -8.16
CA ALA A 295 -23.59 6.10 -9.08
C ALA A 295 -24.64 6.95 -9.82
N GLU A 296 -25.38 7.78 -9.06
CA GLU A 296 -26.37 8.71 -9.65
C GLU A 296 -25.80 9.62 -10.71
N ILE A 297 -24.73 10.33 -10.35
CA ILE A 297 -24.16 11.36 -11.24
C ILE A 297 -23.63 10.74 -12.51
N LEU A 298 -22.85 9.66 -12.41
CA LEU A 298 -22.29 9.05 -13.61
C LEU A 298 -23.35 8.40 -14.48
N GLU A 299 -24.34 7.76 -13.85
CA GLU A 299 -25.42 7.15 -14.62
C GLU A 299 -26.16 8.22 -15.43
N LYS A 300 -26.35 9.41 -14.86
CA LYS A 300 -27.03 10.52 -15.57
C LYS A 300 -26.24 10.93 -16.82
N LYS A 301 -24.92 11.06 -16.67
CA LYS A 301 -24.07 11.64 -17.73
C LYS A 301 -23.56 10.68 -18.79
N ARG A 302 -23.85 9.38 -18.66
CA ARG A 302 -23.30 8.38 -19.57
C ARG A 302 -24.12 8.30 -20.84
N PRO A 303 -23.57 7.75 -21.93
CA PRO A 303 -22.32 7.06 -22.03
C PRO A 303 -21.15 8.03 -22.12
N PHE A 304 -19.98 7.57 -21.69
CA PHE A 304 -18.74 8.35 -21.76
C PHE A 304 -17.87 7.81 -22.86
N ASN A 305 -17.03 8.67 -23.41
CA ASN A 305 -16.12 8.32 -24.49
C ASN A 305 -14.74 8.00 -23.99
N ASN A 306 -14.39 8.47 -22.81
CA ASN A 306 -13.07 8.26 -22.28
C ASN A 306 -13.01 8.57 -20.78
N ILE A 307 -11.88 8.21 -20.17
CA ILE A 307 -11.70 8.27 -18.73
C ILE A 307 -11.82 9.70 -18.23
N GLU A 308 -11.27 10.63 -19.00
CA GLU A 308 -11.31 12.06 -18.72
C GLU A 308 -12.75 12.58 -18.48
N GLU A 309 -13.66 12.19 -19.37
CA GLU A 309 -15.08 12.49 -19.22
C GLU A 309 -15.71 11.87 -17.96
N ILE A 310 -15.25 10.70 -17.53
CA ILE A 310 -15.70 10.13 -16.26
C ILE A 310 -15.19 11.02 -15.13
N LYS A 311 -13.91 11.32 -15.18
CA LYS A 311 -13.24 12.07 -14.13
C LYS A 311 -13.90 13.40 -13.96
N ASN A 312 -14.17 14.06 -15.07
CA ASN A 312 -14.78 15.38 -15.06
C ASN A 312 -16.25 15.34 -14.66
N SER A 313 -16.86 14.16 -14.73
CA SER A 313 -18.25 14.04 -14.34
C SER A 313 -18.42 13.86 -12.82
N LEU A 314 -17.32 13.59 -12.13
CA LEU A 314 -17.35 13.31 -10.69
C LEU A 314 -17.58 14.60 -9.91
N PRO A 315 -18.14 14.50 -8.68
CA PRO A 315 -18.49 15.74 -7.96
C PRO A 315 -17.29 16.63 -7.71
N TYR A 316 -17.49 17.92 -7.90
CA TYR A 316 -16.46 18.91 -7.84
C TYR A 316 -15.90 19.11 -6.45
N GLY A 317 -14.58 19.25 -6.38
CA GLY A 317 -13.87 19.57 -5.17
C GLY A 317 -13.42 18.38 -4.36
N PHE A 318 -13.87 17.17 -4.69
CA PHE A 318 -13.38 15.97 -4.03
C PHE A 318 -11.91 15.73 -4.43
N SER A 319 -11.24 14.86 -3.69
CA SER A 319 -9.80 14.72 -3.74
C SER A 319 -9.32 13.91 -4.97
N ARG A 320 -8.03 14.04 -5.28
CA ARG A 320 -7.44 13.19 -6.32
C ARG A 320 -7.59 11.71 -5.96
N HIS A 321 -7.33 11.36 -4.71
CA HIS A 321 -7.49 9.97 -4.26
C HIS A 321 -8.89 9.47 -4.51
N PHE A 322 -9.89 10.27 -4.17
CA PHE A 322 -11.25 9.90 -4.47
C PHE A 322 -11.45 9.59 -5.97
N ARG A 323 -10.94 10.45 -6.83
CA ARG A 323 -11.20 10.25 -8.26
C ARG A 323 -10.51 8.95 -8.73
N GLU A 324 -9.29 8.72 -8.28
CA GLU A 324 -8.52 7.49 -8.68
C GLU A 324 -9.13 6.21 -8.08
N ARG A 325 -9.65 6.32 -6.85
CA ARG A 325 -10.42 5.23 -6.24
C ARG A 325 -11.66 4.88 -7.03
N ILE A 326 -12.45 5.87 -7.45
CA ILE A 326 -13.58 5.60 -8.33
C ILE A 326 -13.18 4.89 -9.61
N LEU A 327 -12.13 5.36 -10.27
CA LEU A 327 -11.61 4.70 -11.46
C LEU A 327 -11.21 3.25 -11.19
N SER A 328 -10.49 3.01 -10.08
CA SER A 328 -10.09 1.67 -9.70
C SER A 328 -11.31 0.78 -9.43
N LYS A 329 -12.37 1.34 -8.83
CA LYS A 329 -13.62 0.59 -8.62
C LYS A 329 -14.34 0.18 -9.89
N LEU A 330 -14.40 1.11 -10.84
CA LEU A 330 -14.93 0.85 -12.16
C LEU A 330 -14.13 -0.22 -12.87
N GLU A 331 -12.83 -0.17 -12.69
CA GLU A 331 -11.91 -1.10 -13.29
C GLU A 331 -12.07 -2.52 -12.68
N ALA A 332 -12.19 -2.59 -11.35
CA ALA A 332 -12.17 -3.87 -10.62
C ALA A 332 -13.53 -4.59 -10.61
N ARG A 333 -14.62 -3.85 -10.63
CA ARG A 333 -15.95 -4.47 -10.61
C ARG A 333 -16.20 -5.40 -9.42
N ILE A 334 -15.86 -4.94 -8.22
CA ILE A 334 -16.14 -5.70 -7.02
C ILE A 334 -17.38 -5.11 -6.32
N PRO A 335 -18.44 -5.91 -6.18
CA PRO A 335 -19.65 -5.29 -5.66
C PRO A 335 -19.48 -4.73 -4.25
N ASN A 336 -20.20 -3.66 -3.95
CA ASN A 336 -20.05 -2.97 -2.68
C ASN A 336 -20.22 -3.95 -1.53
N GLU A 337 -21.22 -4.82 -1.65
CA GLU A 337 -21.54 -5.85 -0.65
C GLU A 337 -20.31 -6.66 -0.32
N THR A 338 -19.71 -7.19 -1.37
CA THR A 338 -18.54 -8.08 -1.23
C THR A 338 -17.26 -7.34 -0.73
N LEU A 339 -17.06 -6.08 -1.14
CA LEU A 339 -15.98 -5.26 -0.58
C LEU A 339 -16.17 -4.94 0.91
N SER A 340 -17.41 -4.67 1.29
CA SER A 340 -17.70 -4.41 2.66
C SER A 340 -17.32 -5.64 3.53
N LYS A 341 -17.71 -6.78 3.00
CA LYS A 341 -17.46 -8.06 3.65
C LYS A 341 -15.95 -8.34 3.69
N TYR A 342 -15.29 -8.05 2.58
CA TYR A 342 -13.85 -8.20 2.51
C TYR A 342 -13.19 -7.39 3.59
N ILE A 343 -13.55 -6.10 3.71
CA ILE A 343 -12.92 -5.24 4.72
C ILE A 343 -13.23 -5.75 6.13
N ASN A 344 -14.47 -6.13 6.38
CA ASN A 344 -14.86 -6.59 7.71
C ASN A 344 -14.21 -7.92 8.09
N ASN A 345 -14.02 -8.82 7.12
CA ASN A 345 -13.30 -10.06 7.39
C ASN A 345 -11.77 -10.02 7.26
N TYR A 346 -11.19 -8.84 6.99
CA TYR A 346 -9.79 -8.75 6.70
C TYR A 346 -8.91 -8.88 7.97
N PRO A 347 -7.80 -9.64 7.89
CA PRO A 347 -7.30 -10.44 6.77
C PRO A 347 -7.90 -11.84 6.79
N ALA A 348 -8.27 -12.34 5.62
CA ALA A 348 -8.86 -13.67 5.47
C ALA A 348 -7.77 -14.75 5.31
N LYS A 349 -6.56 -14.31 5.01
CA LYS A 349 -5.45 -15.23 4.81
C LYS A 349 -4.13 -14.47 4.88
N ILE A 350 -3.05 -15.20 5.14
CA ILE A 350 -1.72 -14.61 5.07
C ILE A 350 -1.04 -15.25 3.88
N LYS A 351 -0.83 -14.45 2.84
CA LYS A 351 -0.23 -14.94 1.61
C LYS A 351 1.23 -14.47 1.59
N ILE A 352 2.16 -15.41 1.53
CA ILE A 352 3.58 -15.09 1.50
C ILE A 352 4.03 -14.87 0.07
N LEU A 353 4.45 -13.66 -0.28
CA LEU A 353 4.88 -13.37 -1.64
C LEU A 353 6.32 -13.87 -1.78
N ALA A 354 7.11 -13.87 -0.71
CA ALA A 354 8.50 -14.23 -0.82
C ALA A 354 9.09 -14.41 0.56
N VAL A 355 10.04 -15.32 0.67
CA VAL A 355 10.67 -15.54 1.96
C VAL A 355 12.17 -15.78 1.79
N LYS A 356 12.94 -15.18 2.69
CA LYS A 356 14.37 -15.32 2.73
C LYS A 356 14.75 -16.55 3.55
#